data_1V1Q
#
_entry.id   1V1Q
#
_cell.length_a   39.322
_cell.length_b   57.358
_cell.length_c   97.019
_cell.angle_alpha   90.00
_cell.angle_beta   90.00
_cell.angle_gamma   90.00
#
_symmetry.space_group_name_H-M   'P 21 21 21'
#
loop_
_entity.id
_entity.type
_entity.pdbx_description
1 polymer 'PRIMOSOMAL REPLICATION PROTEIN N'
2 non-polymer CYSTEINE
3 water water
#
_entity_poly.entity_id   1
_entity_poly.type   'polypeptide(L)'
_entity_poly.pdbx_seq_one_letter_code
;MASMTGGQQMGRDPNSLMTNRLVLSGTVCRAPLRKVSPSGIPHCQFVLEHRSVQEEAGFHRQAWCQMPVIVSGHENQAIT
HSITVGSRITVQGFISCHKAKNGLSKMVLHAEQIELIDSVDKLAAALEHHHHHH
;
_entity_poly.pdbx_strand_id   A,B
#
# COMPACT_ATOMS: atom_id res chain seq x y z
N PRO A 14 -21.81 3.64 6.73
CA PRO A 14 -20.77 2.58 6.81
C PRO A 14 -19.44 2.93 6.13
N ASN A 15 -19.50 3.41 4.89
CA ASN A 15 -18.29 3.75 4.13
C ASN A 15 -17.29 4.73 4.76
N SER A 16 -17.49 5.10 6.02
CA SER A 16 -16.57 6.02 6.66
C SER A 16 -15.22 5.35 6.94
N LEU A 17 -15.29 4.07 7.30
CA LEU A 17 -14.11 3.29 7.63
C LEU A 17 -13.63 2.42 6.46
N MET A 18 -14.00 2.81 5.25
CA MET A 18 -13.62 2.02 4.07
C MET A 18 -12.52 2.59 3.19
N THR A 19 -12.03 3.78 3.49
CA THR A 19 -10.96 4.39 2.70
C THR A 19 -9.82 3.39 2.41
N ASN A 20 -9.51 3.23 1.12
CA ASN A 20 -8.46 2.31 0.68
C ASN A 20 -7.96 2.73 -0.70
N ARG A 21 -6.82 3.40 -0.73
CA ARG A 21 -6.26 3.82 -2.00
C ARG A 21 -4.75 3.93 -1.95
N LEU A 22 -4.10 3.26 -2.90
CA LEU A 22 -2.66 3.27 -3.02
C LEU A 22 -2.24 3.69 -4.42
N VAL A 23 -1.27 4.59 -4.48
CA VAL A 23 -0.71 5.06 -5.75
C VAL A 23 0.78 4.76 -5.59
N LEU A 24 1.31 3.96 -6.51
CA LEU A 24 2.70 3.57 -6.44
C LEU A 24 3.34 3.43 -7.82
N SER A 25 4.49 4.07 -7.99
CA SER A 25 5.24 4.03 -9.22
C SER A 25 6.39 3.06 -9.07
N GLY A 26 6.80 2.46 -10.18
CA GLY A 26 7.90 1.51 -10.13
C GLY A 26 8.21 0.95 -11.50
N THR A 27 9.05 -0.07 -11.51
CA THR A 27 9.45 -0.73 -12.74
C THR A 27 8.93 -2.16 -12.71
N VAL A 28 8.27 -2.57 -13.78
CA VAL A 28 7.74 -3.93 -13.86
C VAL A 28 8.95 -4.86 -13.95
N CYS A 29 9.14 -5.68 -12.93
CA CYS A 29 10.27 -6.61 -12.88
C CYS A 29 9.86 -8.04 -13.20
N ARG A 30 8.55 -8.27 -13.24
CA ARG A 30 8.00 -9.60 -13.54
C ARG A 30 7.08 -9.39 -14.74
N ALA A 31 7.35 -10.08 -15.84
CA ALA A 31 6.53 -9.96 -17.04
C ALA A 31 5.06 -10.23 -16.76
N PRO A 32 4.16 -9.36 -17.25
CA PRO A 32 2.71 -9.44 -17.09
C PRO A 32 2.09 -10.74 -17.62
N LEU A 33 1.70 -11.62 -16.71
CA LEU A 33 1.09 -12.90 -17.10
C LEU A 33 -0.43 -12.84 -16.98
N ARG A 34 -1.11 -13.33 -18.02
CA ARG A 34 -2.56 -13.34 -17.99
C ARG A 34 -3.12 -14.69 -17.58
N LYS A 35 -4.00 -14.69 -16.58
CA LYS A 35 -4.63 -15.91 -16.11
C LYS A 35 -6.15 -15.71 -16.17
N VAL A 36 -6.87 -16.82 -16.28
CA VAL A 36 -8.33 -16.76 -16.35
C VAL A 36 -8.92 -17.55 -15.20
N SER A 37 -9.85 -16.95 -14.49
CA SER A 37 -10.51 -17.58 -13.35
C SER A 37 -11.37 -18.75 -13.82
N PRO A 38 -11.75 -19.65 -12.89
CA PRO A 38 -12.58 -20.80 -13.29
C PRO A 38 -13.83 -20.34 -14.05
N SER A 39 -14.40 -19.20 -13.66
CA SER A 39 -15.58 -18.66 -14.32
C SER A 39 -15.28 -18.06 -15.70
N GLY A 40 -14.00 -17.93 -16.02
CA GLY A 40 -13.63 -17.39 -17.32
C GLY A 40 -13.34 -15.89 -17.31
N ILE A 41 -13.08 -15.34 -16.13
CA ILE A 41 -12.77 -13.93 -15.99
C ILE A 41 -11.26 -13.72 -16.16
N PRO A 42 -10.86 -12.83 -17.08
CA PRO A 42 -9.44 -12.55 -17.32
C PRO A 42 -8.78 -11.69 -16.23
N HIS A 43 -7.52 -11.98 -15.95
CA HIS A 43 -6.73 -11.24 -14.97
C HIS A 43 -5.29 -11.08 -15.48
N CYS A 44 -4.66 -9.98 -15.10
CA CYS A 44 -3.29 -9.74 -15.50
C CYS A 44 -2.50 -9.54 -14.21
N GLN A 45 -1.44 -10.31 -14.04
CA GLN A 45 -0.59 -10.24 -12.87
C GLN A 45 0.86 -9.93 -13.18
N PHE A 46 1.47 -9.11 -12.33
CA PHE A 46 2.88 -8.76 -12.46
C PHE A 46 3.36 -8.21 -11.13
N VAL A 47 4.65 -7.97 -11.02
CA VAL A 47 5.24 -7.43 -9.80
C VAL A 47 5.85 -6.09 -10.15
N LEU A 48 5.64 -5.11 -9.28
CA LEU A 48 6.16 -3.77 -9.51
C LEU A 48 7.27 -3.46 -8.53
N GLU A 49 8.45 -3.16 -9.02
CA GLU A 49 9.54 -2.83 -8.12
C GLU A 49 9.61 -1.32 -7.88
N HIS A 50 9.35 -0.94 -6.63
CA HIS A 50 9.34 0.45 -6.18
C HIS A 50 10.57 0.82 -5.36
N ARG A 51 11.19 1.94 -5.70
CA ARG A 51 12.38 2.42 -4.98
C ARG A 51 12.35 3.95 -4.94
N SER A 52 12.29 4.53 -3.75
CA SER A 52 12.25 5.99 -3.67
C SER A 52 12.66 6.50 -2.31
N VAL A 53 12.60 7.81 -2.15
CA VAL A 53 12.90 8.46 -0.90
C VAL A 53 11.65 9.26 -0.58
N GLN A 54 11.06 9.02 0.58
CA GLN A 54 9.85 9.72 0.97
C GLN A 54 10.08 10.59 2.21
N GLU A 55 9.17 11.54 2.39
CA GLU A 55 9.23 12.45 3.51
C GLU A 55 8.68 11.79 4.77
N GLU A 56 9.47 11.81 5.83
CA GLU A 56 9.02 11.24 7.09
C GLU A 56 9.46 12.07 8.28
N ALA A 57 8.49 12.62 8.99
CA ALA A 57 8.74 13.47 10.15
C ALA A 57 9.71 14.61 9.84
N GLY A 58 9.72 15.05 8.59
CA GLY A 58 10.60 16.16 8.20
C GLY A 58 11.91 15.69 7.59
N PHE A 59 12.22 14.41 7.74
CA PHE A 59 13.45 13.87 7.19
C PHE A 59 13.18 13.01 5.96
N HIS A 60 14.26 12.51 5.35
CA HIS A 60 14.13 11.70 4.15
C HIS A 60 14.38 10.22 4.43
N ARG A 61 13.38 9.40 4.14
CA ARG A 61 13.46 7.97 4.37
C ARG A 61 13.39 7.18 3.07
N GLN A 62 14.30 6.23 2.89
CA GLN A 62 14.28 5.41 1.69
C GLN A 62 13.14 4.40 1.81
N ALA A 63 12.42 4.19 0.71
CA ALA A 63 11.32 3.24 0.72
C ALA A 63 11.50 2.28 -0.44
N TRP A 64 11.40 0.99 -0.16
CA TRP A 64 11.57 -0.03 -1.19
C TRP A 64 10.49 -1.09 -1.06
N CYS A 65 10.02 -1.58 -2.19
CA CYS A 65 9.01 -2.61 -2.15
C CYS A 65 8.78 -3.29 -3.49
N GLN A 66 8.58 -4.60 -3.46
CA GLN A 66 8.27 -5.35 -4.65
C GLN A 66 6.81 -5.66 -4.42
N MET A 67 5.98 -4.92 -5.13
CA MET A 67 4.54 -5.02 -4.99
C MET A 67 3.85 -5.81 -6.09
N PRO A 68 3.23 -6.94 -5.73
CA PRO A 68 2.54 -7.69 -6.77
C PRO A 68 1.28 -6.89 -7.12
N VAL A 69 0.95 -6.89 -8.40
CA VAL A 69 -0.21 -6.16 -8.88
C VAL A 69 -1.10 -7.09 -9.70
N ILE A 70 -2.40 -6.79 -9.70
CA ILE A 70 -3.34 -7.57 -10.46
C ILE A 70 -4.39 -6.63 -11.06
N VAL A 71 -4.73 -6.87 -12.33
CA VAL A 71 -5.73 -6.11 -13.05
C VAL A 71 -6.82 -7.11 -13.39
N SER A 72 -7.96 -7.00 -12.71
CA SER A 72 -9.08 -7.94 -12.88
C SER A 72 -10.23 -7.44 -13.76
N GLY A 73 -10.78 -8.32 -14.58
CA GLY A 73 -11.88 -7.94 -15.44
C GLY A 73 -11.52 -7.72 -16.89
N HIS A 74 -12.47 -8.02 -17.77
CA HIS A 74 -12.26 -7.88 -19.20
C HIS A 74 -11.90 -6.46 -19.63
N GLU A 75 -12.81 -5.52 -19.37
CA GLU A 75 -12.57 -4.15 -19.77
C GLU A 75 -11.32 -3.55 -19.14
N ASN A 76 -10.99 -4.00 -17.94
CA ASN A 76 -9.82 -3.50 -17.23
C ASN A 76 -8.51 -3.93 -17.92
N GLN A 77 -8.58 -5.02 -18.69
CA GLN A 77 -7.41 -5.53 -19.38
C GLN A 77 -6.81 -4.51 -20.35
N ALA A 78 -7.64 -3.57 -20.77
CA ALA A 78 -7.24 -2.52 -21.70
C ALA A 78 -6.05 -1.69 -21.21
N ILE A 79 -5.92 -1.54 -19.89
CA ILE A 79 -4.84 -0.74 -19.34
C ILE A 79 -3.51 -1.46 -19.16
N THR A 80 -3.41 -2.69 -19.64
CA THR A 80 -2.18 -3.46 -19.48
C THR A 80 -1.59 -3.90 -20.81
N HIS A 81 -2.21 -3.49 -21.90
CA HIS A 81 -1.74 -3.93 -23.21
C HIS A 81 -0.40 -3.40 -23.68
N SER A 82 0.14 -2.38 -23.01
CA SER A 82 1.42 -1.86 -23.47
C SER A 82 2.55 -2.08 -22.49
N ILE A 83 2.28 -2.76 -21.38
CA ILE A 83 3.34 -2.97 -20.41
C ILE A 83 4.11 -4.28 -20.62
N THR A 84 5.39 -4.26 -20.31
CA THR A 84 6.26 -5.43 -20.37
C THR A 84 7.31 -5.27 -19.28
N VAL A 85 8.21 -6.24 -19.18
CA VAL A 85 9.27 -6.18 -18.18
C VAL A 85 10.05 -4.90 -18.51
N GLY A 86 10.47 -4.17 -17.48
CA GLY A 86 11.21 -2.95 -17.73
C GLY A 86 10.36 -1.69 -17.83
N SER A 87 9.07 -1.84 -18.09
CA SER A 87 8.17 -0.68 -18.19
C SER A 87 8.13 0.10 -16.88
N ARG A 88 8.19 1.41 -16.97
CA ARG A 88 8.11 2.24 -15.79
C ARG A 88 6.70 2.83 -15.75
N ILE A 89 5.95 2.51 -14.70
CA ILE A 89 4.56 2.99 -14.58
C ILE A 89 4.11 3.41 -13.18
N THR A 90 2.88 3.92 -13.12
CA THR A 90 2.27 4.34 -11.87
C THR A 90 0.91 3.67 -11.76
N VAL A 91 0.78 2.80 -10.77
CA VAL A 91 -0.44 2.07 -10.55
C VAL A 91 -1.24 2.68 -9.43
N GLN A 92 -2.55 2.78 -9.64
CA GLN A 92 -3.47 3.33 -8.66
C GLN A 92 -4.57 2.31 -8.45
N GLY A 93 -4.94 2.05 -7.21
CA GLY A 93 -5.98 1.07 -6.93
C GLY A 93 -6.12 0.82 -5.44
N PHE A 94 -6.64 -0.34 -5.07
CA PHE A 94 -6.80 -0.65 -3.66
C PHE A 94 -5.98 -1.88 -3.27
N ILE A 95 -5.53 -1.94 -2.03
CA ILE A 95 -4.75 -3.08 -1.58
C ILE A 95 -5.62 -4.05 -0.81
N SER A 96 -5.17 -5.30 -0.81
CA SER A 96 -5.86 -6.39 -0.12
C SER A 96 -4.75 -7.31 0.36
N CYS A 97 -4.99 -8.03 1.44
CA CYS A 97 -3.96 -8.91 1.95
C CYS A 97 -4.51 -10.29 2.29
N HIS A 98 -3.59 -11.18 2.64
CA HIS A 98 -3.91 -12.54 3.03
C HIS A 98 -3.17 -12.77 4.35
N LYS A 99 -3.70 -13.65 5.19
CA LYS A 99 -3.04 -13.94 6.46
C LYS A 99 -1.62 -14.42 6.15
N ALA A 100 -1.54 -15.33 5.18
CA ALA A 100 -0.27 -15.90 4.74
C ALA A 100 0.47 -16.62 5.87
N LYS A 101 -0.23 -16.85 6.98
CA LYS A 101 0.37 -17.53 8.12
C LYS A 101 1.60 -16.74 8.55
N ASN A 102 1.59 -15.45 8.27
CA ASN A 102 2.69 -14.56 8.59
C ASN A 102 2.15 -13.15 8.88
N GLY A 103 2.94 -12.35 9.61
CA GLY A 103 2.52 -10.99 9.93
C GLY A 103 2.42 -10.10 8.71
N LEU A 104 1.33 -10.27 7.95
CA LEU A 104 1.11 -9.51 6.73
C LEU A 104 2.22 -9.84 5.75
N SER A 105 1.98 -10.89 4.95
CA SER A 105 2.96 -11.33 3.97
C SER A 105 2.45 -11.19 2.54
N LYS A 106 1.23 -11.66 2.30
CA LYS A 106 0.65 -11.58 0.96
C LYS A 106 -0.18 -10.32 0.76
N MET A 107 0.46 -9.29 0.19
CA MET A 107 -0.20 -8.03 -0.09
C MET A 107 -0.31 -7.90 -1.61
N VAL A 108 -1.42 -7.34 -2.09
CA VAL A 108 -1.61 -7.19 -3.53
C VAL A 108 -2.32 -5.89 -3.87
N LEU A 109 -1.85 -5.23 -4.91
CA LEU A 109 -2.46 -3.98 -5.35
C LEU A 109 -3.43 -4.25 -6.50
N HIS A 110 -4.72 -4.09 -6.23
CA HIS A 110 -5.71 -4.29 -7.28
C HIS A 110 -5.77 -3.02 -8.09
N ALA A 111 -5.11 -3.03 -9.23
CA ALA A 111 -5.03 -1.87 -10.08
C ALA A 111 -6.33 -1.46 -10.77
N GLU A 112 -6.61 -0.18 -10.71
CA GLU A 112 -7.79 0.40 -11.33
C GLU A 112 -7.35 1.34 -12.46
N GLN A 113 -6.13 1.84 -12.36
CA GLN A 113 -5.58 2.74 -13.37
C GLN A 113 -4.08 2.57 -13.47
N ILE A 114 -3.56 2.63 -14.69
CA ILE A 114 -2.13 2.49 -14.92
C ILE A 114 -1.65 3.61 -15.84
N GLU A 115 -0.55 4.25 -15.47
CA GLU A 115 0.02 5.33 -16.26
C GLU A 115 1.46 5.02 -16.64
N LEU A 116 1.78 5.22 -17.92
CA LEU A 116 3.13 4.98 -18.40
C LEU A 116 3.84 6.32 -18.33
N ILE A 117 4.72 6.47 -17.35
CA ILE A 117 5.43 7.73 -17.16
C ILE A 117 6.29 8.17 -18.34
N ASP A 118 6.72 7.22 -19.16
CA ASP A 118 7.56 7.54 -20.32
C ASP A 118 6.75 7.69 -21.60
N SER A 119 5.46 7.90 -21.46
CA SER A 119 4.59 8.07 -22.62
C SER A 119 3.71 9.30 -22.45
N VAL A 120 2.99 9.66 -23.50
CA VAL A 120 2.11 10.83 -23.45
C VAL A 120 0.67 10.41 -23.69
N ASP A 121 0.28 9.33 -23.04
CA ASP A 121 -1.07 8.79 -23.15
C ASP A 121 -1.30 8.06 -24.46
N LYS A 122 -0.44 8.29 -25.45
CA LYS A 122 -0.66 7.66 -26.75
C LYS A 122 0.03 6.35 -27.08
N LEU A 123 -0.79 5.32 -27.25
CA LEU A 123 -0.29 4.01 -27.62
C LEU A 123 -0.27 4.10 -29.14
N ALA A 124 0.56 4.88 -29.68
N GLY B 11 22.48 8.07 -14.44
CA GLY B 11 21.71 9.26 -13.95
C GLY B 11 20.53 8.88 -13.07
N ARG B 12 20.16 9.80 -12.17
CA ARG B 12 19.04 9.60 -11.24
C ARG B 12 17.71 9.32 -11.94
N ASP B 13 16.82 8.64 -11.25
CA ASP B 13 15.50 8.33 -11.80
C ASP B 13 14.62 9.58 -11.77
N PRO B 14 13.61 9.63 -12.65
CA PRO B 14 12.74 10.80 -12.67
C PRO B 14 11.83 10.79 -11.45
N ASN B 15 11.40 11.97 -11.03
CA ASN B 15 10.54 12.10 -9.87
C ASN B 15 9.24 11.32 -10.01
N SER B 16 8.77 11.16 -11.24
CA SER B 16 7.52 10.45 -11.51
C SER B 16 7.58 8.98 -11.12
N LEU B 17 8.78 8.46 -10.93
CA LEU B 17 8.95 7.07 -10.57
C LEU B 17 8.96 6.89 -9.05
N MET B 18 8.97 8.00 -8.32
CA MET B 18 9.01 7.99 -6.85
C MET B 18 7.69 7.81 -6.10
N THR B 19 6.58 8.04 -6.80
CA THR B 19 5.27 7.95 -6.20
C THR B 19 5.04 6.77 -5.25
N ASN B 20 4.57 7.07 -4.05
CA ASN B 20 4.30 6.08 -3.01
C ASN B 20 3.40 6.76 -2.00
N ARG B 21 2.09 6.59 -2.16
CA ARG B 21 1.15 7.19 -1.23
C ARG B 21 -0.04 6.26 -1.02
N LEU B 22 -0.32 5.98 0.25
CA LEU B 22 -1.41 5.10 0.64
C LEU B 22 -2.25 5.70 1.78
N VAL B 23 -3.57 5.61 1.62
CA VAL B 23 -4.49 6.11 2.63
C VAL B 23 -5.42 4.93 2.95
N LEU B 24 -5.45 4.53 4.21
CA LEU B 24 -6.25 3.38 4.62
C LEU B 24 -6.96 3.62 5.94
N SER B 25 -8.23 3.25 5.98
CA SER B 25 -9.00 3.41 7.20
C SER B 25 -9.16 2.02 7.81
N GLY B 26 -9.40 1.98 9.12
CA GLY B 26 -9.54 0.70 9.77
C GLY B 26 -9.67 0.80 11.27
N THR B 27 -9.59 -0.34 11.92
CA THR B 27 -9.68 -0.43 13.36
C THR B 27 -8.37 -0.97 13.89
N VAL B 28 -7.83 -0.28 14.90
CA VAL B 28 -6.58 -0.72 15.50
C VAL B 28 -6.86 -1.97 16.30
N CYS B 29 -6.38 -3.12 15.81
CA CYS B 29 -6.61 -4.38 16.51
C CYS B 29 -5.44 -4.71 17.43
N ARG B 30 -4.32 -4.04 17.22
CA ARG B 30 -3.12 -4.24 18.03
C ARG B 30 -2.79 -2.95 18.77
N ALA B 31 -2.88 -2.99 20.10
CA ALA B 31 -2.58 -1.82 20.91
C ALA B 31 -1.20 -1.26 20.56
N PRO B 32 -1.12 0.05 20.31
CA PRO B 32 0.12 0.72 19.95
C PRO B 32 1.24 0.45 20.95
N LEU B 33 2.43 0.19 20.43
CA LEU B 33 3.57 -0.06 21.28
C LEU B 33 4.64 0.97 20.92
N ARG B 34 5.15 1.66 21.93
CA ARG B 34 6.15 2.69 21.69
C ARG B 34 7.52 2.35 22.26
N LYS B 35 8.55 2.88 21.60
CA LYS B 35 9.93 2.71 22.06
C LYS B 35 10.83 3.72 21.36
N VAL B 36 12.04 3.89 21.89
CA VAL B 36 13.00 4.82 21.33
C VAL B 36 14.23 4.04 20.87
N SER B 37 14.60 4.20 19.60
CA SER B 37 15.75 3.48 19.08
C SER B 37 17.02 3.94 19.80
N PRO B 38 18.06 3.11 19.80
CA PRO B 38 19.32 3.46 20.46
C PRO B 38 19.88 4.79 19.95
N SER B 39 19.46 5.20 18.77
CA SER B 39 19.95 6.44 18.19
C SER B 39 19.10 7.67 18.51
N GLY B 40 18.06 7.49 19.33
CA GLY B 40 17.21 8.61 19.71
C GLY B 40 15.96 8.85 18.90
N ILE B 41 15.57 7.91 18.05
CA ILE B 41 14.37 8.09 17.24
C ILE B 41 13.15 7.44 17.87
N PRO B 42 12.10 8.21 18.13
CA PRO B 42 10.92 7.59 18.73
C PRO B 42 10.08 6.82 17.71
N HIS B 43 9.60 5.65 18.10
CA HIS B 43 8.76 4.83 17.22
C HIS B 43 7.48 4.34 17.93
N CYS B 44 6.37 4.33 17.20
CA CYS B 44 5.09 3.85 17.72
C CYS B 44 4.56 2.88 16.68
N GLN B 45 4.33 1.64 17.07
CA GLN B 45 3.84 0.64 16.14
C GLN B 45 2.54 -0.03 16.54
N PHE B 46 1.71 -0.34 15.55
CA PHE B 46 0.45 -1.02 15.77
C PHE B 46 -0.04 -1.63 14.47
N VAL B 47 -1.13 -2.38 14.53
CA VAL B 47 -1.68 -3.01 13.33
C VAL B 47 -3.06 -2.43 13.07
N LEU B 48 -3.34 -2.07 11.83
CA LEU B 48 -4.64 -1.52 11.47
C LEU B 48 -5.41 -2.54 10.64
N GLU B 49 -6.55 -3.00 11.15
CA GLU B 49 -7.35 -3.97 10.41
C GLU B 49 -8.35 -3.26 9.52
N HIS B 50 -8.18 -3.42 8.22
CA HIS B 50 -9.03 -2.77 7.24
C HIS B 50 -10.01 -3.71 6.54
N ARG B 51 -11.24 -3.22 6.36
CA ARG B 51 -12.29 -3.96 5.66
C ARG B 51 -13.09 -2.99 4.80
N SER B 52 -13.16 -3.22 3.50
CA SER B 52 -13.95 -2.35 2.63
C SER B 52 -14.60 -3.17 1.51
N VAL B 53 -15.68 -2.64 0.94
CA VAL B 53 -16.34 -3.35 -0.15
C VAL B 53 -15.76 -2.77 -1.45
N GLN B 54 -15.42 -3.65 -2.39
CA GLN B 54 -14.86 -3.22 -3.67
C GLN B 54 -15.58 -3.91 -4.81
N GLU B 55 -15.27 -3.52 -6.03
CA GLU B 55 -15.88 -4.14 -7.21
C GLU B 55 -14.83 -4.30 -8.29
N GLU B 56 -14.88 -5.43 -8.99
CA GLU B 56 -13.97 -5.70 -10.08
C GLU B 56 -14.64 -6.64 -11.06
N ALA B 57 -14.57 -6.30 -12.34
CA ALA B 57 -15.19 -7.08 -13.40
C ALA B 57 -16.70 -7.06 -13.20
N GLY B 58 -17.19 -6.02 -12.54
CA GLY B 58 -18.61 -5.90 -12.29
C GLY B 58 -19.09 -6.78 -11.16
N PHE B 59 -18.16 -7.41 -10.44
CA PHE B 59 -18.52 -8.26 -9.32
C PHE B 59 -18.04 -7.70 -7.98
N HIS B 60 -18.69 -8.13 -6.91
CA HIS B 60 -18.37 -7.62 -5.58
C HIS B 60 -17.43 -8.51 -4.78
N ARG B 61 -16.69 -7.87 -3.88
CA ARG B 61 -15.75 -8.58 -3.01
C ARG B 61 -15.27 -7.64 -1.92
N GLN B 62 -14.75 -8.22 -0.85
CA GLN B 62 -14.25 -7.42 0.24
C GLN B 62 -12.74 -7.33 0.19
N ALA B 63 -12.24 -6.13 0.43
CA ALA B 63 -10.81 -5.90 0.47
C ALA B 63 -10.55 -5.90 1.97
N TRP B 64 -9.66 -6.78 2.41
CA TRP B 64 -9.32 -6.93 3.82
C TRP B 64 -7.81 -6.93 4.00
N CYS B 65 -7.35 -6.40 5.13
CA CYS B 65 -5.93 -6.37 5.46
C CYS B 65 -5.67 -5.96 6.91
N GLN B 66 -4.62 -6.53 7.51
CA GLN B 66 -4.20 -6.14 8.85
C GLN B 66 -2.86 -5.54 8.50
N MET B 67 -2.87 -4.23 8.37
CA MET B 67 -1.71 -3.45 7.98
C MET B 67 -0.81 -3.01 9.12
N PRO B 68 0.46 -3.42 9.10
CA PRO B 68 1.37 -3.00 10.18
C PRO B 68 1.62 -1.50 9.96
N VAL B 69 1.41 -0.68 10.99
CA VAL B 69 1.67 0.75 10.83
C VAL B 69 2.77 1.18 11.79
N ILE B 70 3.55 2.16 11.38
CA ILE B 70 4.61 2.71 12.22
C ILE B 70 4.62 4.22 12.03
N VAL B 71 4.78 4.92 13.14
CA VAL B 71 4.85 6.37 13.17
C VAL B 71 6.24 6.66 13.74
N SER B 72 7.15 7.10 12.87
CA SER B 72 8.52 7.40 13.25
C SER B 72 8.81 8.90 13.29
N GLY B 73 9.76 9.30 14.12
CA GLY B 73 10.12 10.71 14.23
C GLY B 73 9.40 11.46 15.32
N HIS B 74 10.04 12.51 15.84
CA HIS B 74 9.44 13.32 16.89
C HIS B 74 8.25 14.11 16.38
N GLU B 75 8.44 14.69 15.21
CA GLU B 75 7.44 15.53 14.56
C GLU B 75 6.01 15.02 14.53
N ASN B 76 5.82 13.71 14.37
CA ASN B 76 4.47 13.18 14.30
C ASN B 76 4.05 12.24 15.42
N GLN B 77 4.77 12.27 16.54
CA GLN B 77 4.44 11.41 17.68
C GLN B 77 3.18 11.81 18.44
N ALA B 78 2.91 13.12 18.52
CA ALA B 78 1.74 13.61 19.25
C ALA B 78 0.42 13.01 18.80
N ILE B 79 0.20 12.98 17.49
CA ILE B 79 -1.02 12.44 16.92
C ILE B 79 -1.23 10.93 17.15
N THR B 80 -0.77 10.39 18.27
CA THR B 80 -0.93 8.94 18.51
C THR B 80 -1.42 8.53 19.89
N HIS B 81 -1.00 9.22 20.93
CA HIS B 81 -1.37 8.87 22.30
C HIS B 81 -2.87 8.80 22.65
N SER B 82 -3.73 9.12 21.70
CA SER B 82 -5.17 9.04 21.94
C SER B 82 -5.72 7.84 21.19
N ILE B 83 -4.84 6.89 20.86
CA ILE B 83 -5.23 5.70 20.10
C ILE B 83 -4.95 4.39 20.84
N THR B 84 -5.93 3.51 20.83
CA THR B 84 -5.81 2.20 21.46
C THR B 84 -6.53 1.21 20.57
N VAL B 85 -6.73 -0.01 21.08
CA VAL B 85 -7.42 -1.03 20.34
C VAL B 85 -8.89 -0.61 20.21
N GLY B 86 -9.51 -0.94 19.07
CA GLY B 86 -10.89 -0.58 18.85
C GLY B 86 -11.05 0.80 18.25
N SER B 87 -9.96 1.56 18.24
CA SER B 87 -9.98 2.90 17.67
C SER B 87 -10.14 2.87 16.16
N ARG B 88 -11.11 3.61 15.65
CA ARG B 88 -11.32 3.68 14.20
C ARG B 88 -10.54 4.91 13.75
N ILE B 89 -9.59 4.70 12.84
CA ILE B 89 -8.76 5.80 12.34
C ILE B 89 -8.44 5.64 10.86
N THR B 90 -7.88 6.70 10.29
CA THR B 90 -7.48 6.71 8.88
C THR B 90 -6.02 7.13 8.86
N VAL B 91 -5.19 6.26 8.29
CA VAL B 91 -3.76 6.52 8.21
C VAL B 91 -3.31 6.78 6.77
N GLN B 92 -2.46 7.77 6.58
CA GLN B 92 -1.94 8.09 5.24
C GLN B 92 -0.43 8.20 5.29
N GLY B 93 0.23 7.61 4.29
CA GLY B 93 1.68 7.66 4.22
C GLY B 93 2.24 6.83 3.08
N PHE B 94 3.45 6.30 3.25
CA PHE B 94 4.07 5.50 2.22
C PHE B 94 4.33 4.09 2.73
N ILE B 95 4.35 3.12 1.82
CA ILE B 95 4.62 1.74 2.21
C ILE B 95 6.05 1.38 1.91
N SER B 96 6.58 0.46 2.71
CA SER B 96 7.96 -0.03 2.55
C SER B 96 7.92 -1.50 2.90
N CYS B 97 8.65 -2.31 2.14
CA CYS B 97 8.65 -3.75 2.38
C CYS B 97 10.06 -4.33 2.44
N HIS B 98 10.99 -3.59 3.04
CA HIS B 98 12.36 -4.07 3.17
C HIS B 98 12.35 -5.42 3.87
N LYS B 99 13.38 -6.22 3.65
CA LYS B 99 13.49 -7.52 4.28
C LYS B 99 14.21 -7.34 5.61
N ALA B 100 14.28 -6.08 6.05
CA ALA B 100 14.94 -5.67 7.30
C ALA B 100 14.78 -6.66 8.46
N LYS B 101 13.71 -6.50 9.23
CA LYS B 101 13.44 -7.36 10.38
C LYS B 101 13.37 -8.83 9.98
N ASN B 102 12.43 -9.14 9.09
CA ASN B 102 12.26 -10.51 8.62
C ASN B 102 11.26 -10.57 7.48
N GLY B 103 11.60 -11.34 6.45
CA GLY B 103 10.73 -11.49 5.31
C GLY B 103 10.61 -10.25 4.43
N LEU B 104 11.03 -10.40 3.18
CA LEU B 104 10.96 -9.30 2.22
C LEU B 104 9.49 -8.95 1.97
N SER B 105 8.61 -9.85 2.41
CA SER B 105 7.17 -9.69 2.26
C SER B 105 6.57 -8.95 3.47
N LYS B 106 7.43 -8.28 4.24
CA LYS B 106 6.96 -7.54 5.41
C LYS B 106 6.63 -6.10 5.01
N MET B 107 5.38 -5.89 4.57
CA MET B 107 4.90 -4.57 4.16
C MET B 107 4.50 -3.72 5.37
N VAL B 108 5.10 -2.55 5.50
CA VAL B 108 4.81 -1.65 6.60
C VAL B 108 4.34 -0.30 6.07
N LEU B 109 3.36 0.29 6.73
CA LEU B 109 2.83 1.58 6.34
C LEU B 109 3.40 2.68 7.23
N HIS B 110 4.28 3.49 6.65
CA HIS B 110 4.89 4.60 7.39
C HIS B 110 3.91 5.75 7.41
N ALA B 111 3.31 6.00 8.56
CA ALA B 111 2.34 7.07 8.71
C ALA B 111 2.93 8.47 8.78
N GLU B 112 2.30 9.40 8.06
CA GLU B 112 2.72 10.80 8.07
C GLU B 112 1.53 11.59 8.58
N GLN B 113 0.34 10.99 8.50
CA GLN B 113 -0.89 11.64 8.93
C GLN B 113 -1.87 10.60 9.45
N ILE B 114 -2.59 10.94 10.52
CA ILE B 114 -3.58 10.05 11.10
C ILE B 114 -4.81 10.82 11.55
N GLU B 115 -5.99 10.29 11.24
CA GLU B 115 -7.23 10.97 11.61
C GLU B 115 -8.11 10.10 12.50
N LEU B 116 -8.65 10.71 13.56
CA LEU B 116 -9.54 10.01 14.47
C LEU B 116 -10.93 10.10 13.88
N ILE B 117 -11.57 8.95 13.68
CA ILE B 117 -12.91 8.92 13.11
C ILE B 117 -13.96 9.02 14.22
N ASP B 118 -13.58 8.58 15.42
CA ASP B 118 -14.48 8.63 16.59
C ASP B 118 -13.66 8.90 17.85
N SER B 119 -13.59 10.16 18.28
CA SER B 119 -12.84 10.52 19.48
C SER B 119 -13.75 11.03 20.57
N VAL B 120 -14.00 10.19 21.58
CA VAL B 120 -14.86 10.57 22.69
C VAL B 120 -14.28 10.06 24.01
N ASP B 121 -13.63 8.91 23.95
CA ASP B 121 -13.04 8.27 25.13
C ASP B 121 -14.13 7.85 26.13
N LYS B 122 -13.78 7.24 27.17
N CYS C . 12.80 -8.96 -10.25
CA CYS C . 12.15 -9.82 -9.21
C CYS C . 11.65 -11.15 -9.80
O CYS C . 12.13 -11.54 -10.88
CB CYS C . 10.97 -9.08 -8.59
SG CYS C . 9.64 -8.66 -9.78
OXT CYS C . 10.77 -11.77 -9.15
N CYS D . 0.39 -9.13 -20.95
CA CYS D . -1.09 -9.19 -21.09
C CYS D . -1.58 -8.38 -22.29
O CYS D . -2.80 -8.20 -22.46
CB CYS D . -1.73 -8.65 -19.81
SG CYS D . -1.14 -9.52 -18.32
OXT CYS D . -0.71 -7.96 -23.08
N CYS E . -5.24 -8.73 16.91
CA CYS E . -4.30 -9.25 15.87
C CYS E . -2.86 -9.34 16.41
O CYS E . -1.96 -9.73 15.64
CB CYS E . -4.33 -8.34 14.62
SG CYS E . -4.01 -6.57 14.92
OXT CYS E . -2.67 -9.03 17.61
#